data_6EUM
#
_entry.id   6EUM
#
_cell.length_a   53.180
_cell.length_b   61.440
_cell.length_c   70.180
_cell.angle_alpha   90.000
_cell.angle_beta   93.200
_cell.angle_gamma   90.000
#
_symmetry.space_group_name_H-M   'C 1 2 1'
#
loop_
_entity.id
_entity.type
_entity.pdbx_description
1 polymer 'Metallo-beta-lactamase type 2'
2 non-polymer 'ZINC ION'
3 non-polymer 'SULFATE ION'
4 non-polymer '(~{Z})-2-sulfanyl-3-[2,3,6-tris(fluoranyl)phenyl]prop-2-enoic acid'
5 non-polymer GLYCEROL
6 water water
#
_entity_poly.entity_id   1
_entity_poly.type   'polypeptide(L)'
_entity_poly.pdbx_seq_one_letter_code
;SQKVEKTVIKNETGTISISQLNKNVWVHTELGSFNGEAVPSNGLVLNTSKGLVLVDSSWDDKLTKELIEMVEKKFQKRVT
DVIITHAHADRIGGIKTLKERGIKAHSTALTAELAKKNGYEEPLGDLQTVTNLKFGNMKVETFYPGKGHTEDNIVVWLPQ
YNILVGG(CSO)LVKSTSAKDLGNVADAYVNEWSTSIENVLKRYRNINAVVPGHGEVGDKGLLLHTLDLLK
;
_entity_poly.pdbx_strand_id   A
#
loop_
_chem_comp.id
_chem_comp.type
_chem_comp.name
_chem_comp.formula
BY5 non-polymer '(~{Z})-2-sulfanyl-3-[2,3,6-tris(fluoranyl)phenyl]prop-2-enoic acid' 'C9 H5 F3 O2 S'
GOL non-polymer GLYCEROL 'C3 H8 O3'
SO4 non-polymer 'SULFATE ION' 'O4 S -2'
ZN non-polymer 'ZINC ION' 'Zn 2'
#
# COMPACT_ATOMS: atom_id res chain seq x y z
N LYS A 6 -14.62 -5.53 -13.67
CA LYS A 6 -13.75 -4.40 -13.91
C LYS A 6 -12.64 -4.79 -14.86
N THR A 7 -12.05 -3.80 -15.52
CA THR A 7 -10.95 -4.05 -16.43
C THR A 7 -9.70 -4.51 -15.67
N VAL A 8 -9.08 -5.59 -16.16
CA VAL A 8 -7.87 -6.20 -15.63
C VAL A 8 -6.90 -6.38 -16.79
N ILE A 9 -5.68 -5.91 -16.59
CA ILE A 9 -4.61 -5.93 -17.57
C ILE A 9 -3.38 -6.52 -16.93
N LYS A 10 -2.75 -7.46 -17.59
CA LYS A 10 -1.63 -8.20 -17.06
C LYS A 10 -0.41 -8.00 -17.94
N ASN A 11 0.73 -8.32 -17.35
CA ASN A 11 1.98 -8.45 -18.08
C ASN A 11 2.04 -9.83 -18.72
N GLU A 12 3.08 -10.05 -19.51
CA GLU A 12 3.18 -11.31 -20.24
C GLU A 12 3.25 -12.49 -19.28
N THR A 13 4.02 -12.38 -18.21
CA THR A 13 4.17 -13.50 -17.28
C THR A 13 2.97 -13.70 -16.38
N GLY A 14 2.09 -12.70 -16.25
CA GLY A 14 1.02 -12.75 -15.26
C GLY A 14 1.44 -12.37 -13.85
N THR A 15 2.72 -12.11 -13.63
CA THR A 15 3.22 -11.70 -12.33
C THR A 15 2.85 -10.27 -11.93
N ILE A 16 2.35 -9.43 -12.86
CA ILE A 16 1.90 -8.08 -12.55
C ILE A 16 0.56 -7.88 -13.22
N SER A 17 -0.39 -7.37 -12.45
CA SER A 17 -1.73 -7.14 -12.93
C SER A 17 -2.19 -5.78 -12.40
N ILE A 18 -2.98 -5.06 -13.19
CA ILE A 18 -3.64 -3.84 -12.74
C ILE A 18 -5.14 -4.03 -12.95
N SER A 19 -5.93 -3.62 -11.98
CA SER A 19 -7.38 -3.78 -12.00
CA SER A 19 -7.38 -3.77 -12.01
C SER A 19 -8.02 -2.42 -11.74
N GLN A 20 -8.97 -2.03 -12.57
CA GLN A 20 -9.54 -0.71 -12.47
C GLN A 20 -10.61 -0.67 -11.38
N LEU A 21 -10.48 0.27 -10.42
CA LEU A 21 -11.55 0.58 -9.46
C LEU A 21 -12.46 1.73 -9.90
N ASN A 22 -11.92 2.72 -10.61
CA ASN A 22 -12.68 3.81 -11.21
C ASN A 22 -11.82 4.48 -12.27
N LYS A 23 -12.30 5.61 -12.83
CA LYS A 23 -11.65 6.22 -13.99
C LYS A 23 -10.17 6.48 -13.77
N ASN A 24 -9.80 6.82 -12.58
CA ASN A 24 -8.41 7.22 -12.25
C ASN A 24 -7.72 6.41 -11.16
N VAL A 25 -8.30 5.30 -10.71
CA VAL A 25 -7.75 4.54 -9.61
C VAL A 25 -7.71 3.07 -9.99
N TRP A 26 -6.52 2.48 -9.96
CA TRP A 26 -6.35 1.06 -10.25
C TRP A 26 -5.59 0.43 -9.10
N VAL A 27 -5.84 -0.87 -8.87
CA VAL A 27 -5.04 -1.64 -7.93
C VAL A 27 -3.95 -2.32 -8.73
N HIS A 28 -2.70 -2.25 -8.26
CA HIS A 28 -1.62 -3.03 -8.84
C HIS A 28 -1.43 -4.25 -7.94
N THR A 29 -1.19 -5.41 -8.56
CA THR A 29 -0.91 -6.62 -7.80
C THR A 29 0.31 -7.31 -8.43
N GLU A 30 1.29 -7.70 -7.60
CA GLU A 30 2.48 -8.44 -8.04
C GLU A 30 2.70 -9.74 -7.27
N LEU A 31 3.16 -10.75 -7.98
CA LEU A 31 3.48 -12.00 -7.34
C LEU A 31 4.97 -12.04 -6.98
N GLY A 32 5.28 -12.22 -5.71
CA GLY A 32 6.65 -12.47 -5.28
C GLY A 32 6.78 -13.95 -4.97
N SER A 33 7.80 -14.58 -5.55
CA SER A 33 8.00 -16.02 -5.41
C SER A 33 8.96 -16.26 -4.24
N PHE A 34 8.51 -17.07 -3.27
CA PHE A 34 9.29 -17.32 -2.07
C PHE A 34 9.26 -18.81 -1.76
N ASN A 35 10.36 -19.50 -2.10
CA ASN A 35 10.51 -20.92 -1.84
C ASN A 35 9.41 -21.71 -2.56
N GLY A 36 9.18 -21.35 -3.82
CA GLY A 36 8.21 -22.03 -4.64
C GLY A 36 6.78 -21.55 -4.50
N GLU A 37 6.48 -20.76 -3.48
CA GLU A 37 5.12 -20.26 -3.22
C GLU A 37 5.00 -18.83 -3.74
N ALA A 38 4.05 -18.62 -4.65
CA ALA A 38 3.73 -17.27 -5.09
C ALA A 38 2.94 -16.53 -4.01
N VAL A 39 3.32 -15.28 -3.74
CA VAL A 39 2.67 -14.50 -2.69
C VAL A 39 2.31 -13.16 -3.33
N PRO A 40 1.02 -12.89 -3.54
CA PRO A 40 0.65 -11.62 -4.18
C PRO A 40 0.66 -10.50 -3.18
N SER A 41 0.88 -9.29 -3.68
N SER A 41 0.85 -9.30 -3.70
CA SER A 41 0.72 -8.10 -2.87
CA SER A 41 0.86 -8.06 -2.95
C SER A 41 0.18 -6.95 -3.71
C SER A 41 0.14 -6.99 -3.75
N ASN A 42 -0.61 -6.10 -3.07
CA ASN A 42 -1.36 -5.01 -3.69
C ASN A 42 -0.85 -3.62 -3.32
N GLY A 43 -0.93 -2.70 -4.27
CA GLY A 43 -0.84 -1.28 -4.08
C GLY A 43 -1.84 -0.56 -4.96
N LEU A 44 -1.72 0.77 -5.11
CA LEU A 44 -2.59 1.54 -5.99
C LEU A 44 -1.78 2.28 -7.04
N VAL A 45 -2.46 2.49 -8.17
CA VAL A 45 -1.98 3.40 -9.23
C VAL A 45 -3.03 4.51 -9.35
N LEU A 46 -2.61 5.77 -9.19
CA LEU A 46 -3.46 6.93 -9.32
C LEU A 46 -3.07 7.72 -10.57
N ASN A 47 -4.01 7.83 -11.48
CA ASN A 47 -3.80 8.49 -12.75
C ASN A 47 -4.23 9.93 -12.58
N THR A 48 -3.27 10.83 -12.51
CA THR A 48 -3.58 12.25 -12.25
C THR A 48 -3.14 13.11 -13.41
N SER A 49 -3.64 14.33 -13.40
CA SER A 49 -3.28 15.27 -14.44
C SER A 49 -1.83 15.66 -14.46
N LYS A 50 -1.06 15.37 -13.40
CA LYS A 50 0.33 15.73 -13.31
C LYS A 50 1.27 14.55 -13.32
N GLY A 51 0.75 13.34 -13.51
CA GLY A 51 1.58 12.17 -13.55
C GLY A 51 0.90 11.02 -12.82
N LEU A 52 1.56 9.93 -12.77
CA LEU A 52 1.07 8.78 -12.04
C LEU A 52 1.65 8.80 -10.63
N VAL A 53 0.83 8.41 -9.68
CA VAL A 53 1.28 8.29 -8.30
C VAL A 53 0.96 6.87 -7.87
N LEU A 54 1.90 6.22 -7.25
CA LEU A 54 1.67 4.87 -6.73
C LEU A 54 1.55 4.89 -5.21
N VAL A 55 0.67 4.04 -4.70
CA VAL A 55 0.71 3.65 -3.28
C VAL A 55 1.40 2.30 -3.28
N ASP A 56 2.61 2.30 -2.71
CA ASP A 56 3.51 1.16 -2.57
C ASP A 56 4.23 0.80 -3.87
N SER A 57 5.44 0.25 -3.71
CA SER A 57 6.18 -0.32 -4.78
C SER A 57 5.85 -1.80 -4.87
N SER A 58 6.90 -2.62 -4.87
CA SER A 58 6.77 -4.06 -4.98
C SER A 58 7.96 -4.75 -4.34
N TRP A 59 7.90 -6.09 -4.37
CA TRP A 59 8.83 -6.93 -3.59
C TRP A 59 10.27 -6.66 -3.88
N ASP A 60 10.60 -6.22 -5.11
CA ASP A 60 11.98 -6.06 -5.46
C ASP A 60 12.09 -5.04 -6.60
N ASP A 61 13.32 -4.78 -7.01
CA ASP A 61 13.52 -3.78 -8.04
C ASP A 61 13.06 -4.27 -9.42
N LYS A 62 13.26 -5.56 -9.74
N LYS A 62 13.25 -5.57 -9.71
CA LYS A 62 12.82 -6.05 -11.03
CA LYS A 62 12.84 -6.09 -11.01
C LYS A 62 11.32 -5.84 -11.21
C LYS A 62 11.34 -5.91 -11.23
N LEU A 63 10.53 -6.25 -10.21
CA LEU A 63 9.11 -6.06 -10.34
C LEU A 63 8.72 -4.58 -10.37
N THR A 64 9.36 -3.75 -9.55
CA THR A 64 9.06 -2.33 -9.57
C THR A 64 9.34 -1.71 -10.92
N LYS A 65 10.50 -2.00 -11.50
N LYS A 65 10.49 -2.04 -11.53
CA LYS A 65 10.79 -1.48 -12.84
CA LYS A 65 10.77 -1.53 -12.87
C LYS A 65 9.69 -1.85 -13.82
C LYS A 65 9.69 -1.94 -13.85
N GLU A 66 9.29 -3.13 -13.82
N GLU A 66 9.30 -3.22 -13.83
CA GLU A 66 8.32 -3.57 -14.80
CA GLU A 66 8.28 -3.68 -14.75
C GLU A 66 6.94 -2.96 -14.55
C GLU A 66 6.96 -2.94 -14.55
N LEU A 67 6.56 -2.78 -13.28
CA LEU A 67 5.31 -2.08 -12.97
C LEU A 67 5.32 -0.64 -13.47
N ILE A 68 6.39 0.09 -13.21
CA ILE A 68 6.47 1.46 -13.69
C ILE A 68 6.35 1.47 -15.19
N GLU A 69 7.12 0.62 -15.86
CA GLU A 69 7.11 0.66 -17.32
C GLU A 69 5.74 0.33 -17.87
N MET A 70 5.03 -0.59 -17.27
N MET A 70 5.05 -0.59 -17.24
CA MET A 70 3.70 -0.93 -17.76
CA MET A 70 3.73 -0.95 -17.73
C MET A 70 2.75 0.25 -17.65
C MET A 70 2.75 0.22 -17.63
N VAL A 71 2.75 0.91 -16.49
CA VAL A 71 1.80 2.00 -16.31
C VAL A 71 2.16 3.26 -17.05
N GLU A 72 3.46 3.55 -17.23
CA GLU A 72 3.83 4.75 -18.00
C GLU A 72 3.43 4.54 -19.44
N LYS A 73 3.59 3.33 -19.99
CA LYS A 73 3.22 3.08 -21.36
C LYS A 73 1.72 3.18 -21.50
N LYS A 74 0.94 2.55 -20.59
CA LYS A 74 -0.49 2.52 -20.74
C LYS A 74 -1.13 3.90 -20.58
N PHE A 75 -0.76 4.60 -19.52
CA PHE A 75 -1.37 5.89 -19.21
C PHE A 75 -0.68 7.09 -19.90
N GLN A 76 0.46 6.86 -20.53
CA GLN A 76 1.14 7.91 -21.28
C GLN A 76 1.48 9.11 -20.43
N LYS A 77 1.98 8.84 -19.23
N LYS A 77 2.13 8.85 -19.31
CA LYS A 77 2.49 9.83 -18.28
CA LYS A 77 2.66 9.88 -18.46
C LYS A 77 3.66 9.20 -17.54
C LYS A 77 3.59 9.21 -17.46
N ARG A 78 4.41 10.01 -16.77
CA ARG A 78 5.47 9.44 -15.96
C ARG A 78 4.95 9.18 -14.53
N VAL A 79 5.54 8.17 -13.88
CA VAL A 79 5.37 8.02 -12.43
C VAL A 79 6.24 9.06 -11.72
N THR A 80 5.60 9.89 -10.93
CA THR A 80 6.27 10.99 -10.24
C THR A 80 6.52 10.75 -8.75
N ASP A 81 5.65 9.99 -8.08
CA ASP A 81 5.65 9.87 -6.63
C ASP A 81 5.15 8.48 -6.26
N VAL A 82 5.65 8.00 -5.13
CA VAL A 82 5.15 6.76 -4.51
C VAL A 82 5.01 7.03 -3.03
N ILE A 83 3.95 6.50 -2.43
CA ILE A 83 3.75 6.52 -1.00
C ILE A 83 4.09 5.16 -0.46
N ILE A 84 5.04 5.04 0.50
CA ILE A 84 5.48 3.79 1.09
C ILE A 84 4.78 3.64 2.46
N THR A 85 4.05 2.54 2.64
CA THR A 85 3.16 2.44 3.79
C THR A 85 3.76 1.70 4.98
N HIS A 86 4.83 0.96 4.81
CA HIS A 86 5.67 0.45 5.92
C HIS A 86 6.95 -0.06 5.32
N ALA A 87 7.88 -0.44 6.19
CA ALA A 87 9.26 -0.79 5.77
C ALA A 87 9.50 -2.29 5.61
N HIS A 88 8.56 -3.06 5.14
CA HIS A 88 8.77 -4.45 4.69
C HIS A 88 8.97 -4.50 3.14
N ALA A 89 9.53 -5.61 2.65
CA ALA A 89 9.95 -5.75 1.26
C ALA A 89 8.77 -5.59 0.28
N ASP A 90 7.57 -6.07 0.60
CA ASP A 90 6.45 -5.92 -0.34
C ASP A 90 6.16 -4.46 -0.62
N ARG A 91 6.35 -3.57 0.33
CA ARG A 91 6.06 -2.15 0.20
C ARG A 91 7.21 -1.38 -0.39
N ILE A 92 8.43 -1.69 0.08
CA ILE A 92 9.64 -0.84 -0.12
C ILE A 92 10.73 -1.47 -0.98
N GLY A 93 10.52 -2.69 -1.42
CA GLY A 93 11.60 -3.40 -2.09
C GLY A 93 12.11 -2.76 -3.33
N GLY A 94 11.30 -1.91 -3.98
CA GLY A 94 11.78 -1.20 -5.16
C GLY A 94 12.33 0.21 -4.95
N ILE A 95 12.69 0.55 -3.70
CA ILE A 95 13.11 1.91 -3.43
C ILE A 95 14.35 2.33 -4.22
N LYS A 96 15.30 1.42 -4.47
CA LYS A 96 16.46 1.81 -5.23
C LYS A 96 16.06 2.29 -6.63
N THR A 97 15.15 1.59 -7.26
CA THR A 97 14.63 1.98 -8.56
C THR A 97 14.00 3.36 -8.51
N LEU A 98 13.18 3.59 -7.51
CA LEU A 98 12.53 4.90 -7.39
C LEU A 98 13.54 6.00 -7.29
N LYS A 99 14.54 5.83 -6.42
CA LYS A 99 15.48 6.93 -6.22
C LYS A 99 16.29 7.19 -7.46
N GLU A 100 16.77 6.15 -8.13
CA GLU A 100 17.61 6.37 -9.27
C GLU A 100 16.88 6.92 -10.48
N ARG A 101 15.57 6.78 -10.55
CA ARG A 101 14.75 7.36 -11.58
C ARG A 101 14.22 8.76 -11.21
N GLY A 102 14.51 9.27 -10.04
CA GLY A 102 13.97 10.55 -9.66
C GLY A 102 12.50 10.54 -9.33
N ILE A 103 11.98 9.41 -8.86
CA ILE A 103 10.62 9.28 -8.37
C ILE A 103 10.64 9.55 -6.87
N LYS A 104 9.80 10.44 -6.40
CA LYS A 104 9.81 10.81 -4.98
C LYS A 104 9.14 9.71 -4.16
N ALA A 105 9.78 9.29 -3.10
CA ALA A 105 9.32 8.19 -2.27
C ALA A 105 8.94 8.74 -0.91
N HIS A 106 7.65 8.94 -0.66
CA HIS A 106 7.13 9.57 0.55
C HIS A 106 6.95 8.50 1.61
N SER A 107 7.22 8.85 2.89
CA SER A 107 7.01 7.91 4.01
C SER A 107 6.97 8.75 5.30
N THR A 108 6.55 8.14 6.39
CA THR A 108 6.78 8.78 7.68
C THR A 108 8.28 8.72 8.01
N ALA A 109 8.68 9.50 9.02
CA ALA A 109 10.04 9.41 9.53
C ALA A 109 10.34 8.06 10.13
N LEU A 110 9.38 7.48 10.84
CA LEU A 110 9.61 6.18 11.43
C LEU A 110 9.83 5.12 10.35
N THR A 111 9.03 5.12 9.27
CA THR A 111 9.25 4.20 8.17
C THR A 111 10.63 4.39 7.59
N ALA A 112 11.09 5.64 7.42
CA ALA A 112 12.43 5.87 6.86
C ALA A 112 13.52 5.35 7.79
N GLU A 113 13.38 5.51 9.11
N GLU A 113 13.34 5.50 9.12
CA GLU A 113 14.39 5.01 10.04
CA GLU A 113 14.32 5.05 10.12
C GLU A 113 14.46 3.50 9.95
C GLU A 113 14.42 3.54 10.11
N LEU A 114 13.28 2.88 9.94
CA LEU A 114 13.26 1.43 9.89
C LEU A 114 13.82 0.91 8.58
N ALA A 115 13.53 1.61 7.47
CA ALA A 115 14.13 1.21 6.21
C ALA A 115 15.66 1.21 6.35
N LYS A 116 16.20 2.29 6.89
CA LYS A 116 17.67 2.39 7.05
C LYS A 116 18.23 1.33 7.98
N LYS A 117 17.49 1.08 9.04
CA LYS A 117 17.94 0.11 10.01
C LYS A 117 18.09 -1.24 9.34
N ASN A 118 17.21 -1.50 8.37
CA ASN A 118 17.18 -2.79 7.71
C ASN A 118 17.88 -2.81 6.36
N GLY A 119 18.63 -1.78 6.07
CA GLY A 119 19.53 -1.85 4.93
C GLY A 119 18.91 -1.43 3.61
N TYR A 120 17.73 -0.86 3.61
CA TYR A 120 17.15 -0.26 2.41
C TYR A 120 17.52 1.21 2.28
N GLU A 121 17.51 1.69 1.03
CA GLU A 121 17.64 3.11 0.81
C GLU A 121 16.43 3.82 1.43
N GLU A 122 16.63 5.10 1.85
CA GLU A 122 15.64 5.77 2.67
C GLU A 122 14.63 6.53 1.83
N PRO A 123 13.37 6.41 2.14
CA PRO A 123 12.36 7.33 1.59
C PRO A 123 12.48 8.67 2.33
N LEU A 124 11.58 9.58 1.98
CA LEU A 124 11.75 10.98 2.39
C LEU A 124 11.50 11.24 3.85
N GLY A 125 10.64 10.45 4.53
CA GLY A 125 10.34 10.80 5.89
C GLY A 125 9.57 12.09 6.09
N ASP A 126 8.76 12.44 5.10
CA ASP A 126 8.03 13.69 5.05
C ASP A 126 6.60 13.63 5.59
N LEU A 127 6.03 12.44 5.74
CA LEU A 127 4.65 12.32 6.14
C LEU A 127 4.52 12.41 7.67
N GLN A 128 3.48 13.08 8.15
CA GLN A 128 3.20 13.26 9.56
C GLN A 128 2.11 12.27 9.98
N THR A 129 1.50 12.47 11.14
CA THR A 129 0.42 11.54 11.53
C THR A 129 -0.77 11.65 10.58
N VAL A 130 -1.12 12.90 10.17
CA VAL A 130 -2.07 13.15 9.09
C VAL A 130 -1.37 14.04 8.10
N THR A 131 -1.32 13.64 6.83
CA THR A 131 -0.77 14.46 5.77
C THR A 131 -1.78 14.52 4.64
N ASN A 132 -1.98 15.69 4.07
CA ASN A 132 -2.89 15.88 2.95
C ASN A 132 -2.04 16.33 1.78
N LEU A 133 -2.09 15.55 0.71
CA LEU A 133 -1.34 15.78 -0.51
C LEU A 133 -2.32 15.98 -1.65
N LYS A 134 -1.88 16.68 -2.70
CA LYS A 134 -2.70 16.83 -3.88
C LYS A 134 -1.78 16.71 -5.08
N PHE A 135 -2.14 15.82 -5.98
CA PHE A 135 -1.36 15.52 -7.19
C PHE A 135 -2.31 15.86 -8.35
N GLY A 136 -2.07 16.99 -9.05
CA GLY A 136 -3.05 17.39 -10.03
C GLY A 136 -4.32 17.68 -9.28
N ASN A 137 -5.41 17.04 -9.68
N ASN A 137 -5.41 17.04 -9.68
CA ASN A 137 -6.69 17.18 -8.99
CA ASN A 137 -6.68 17.18 -8.98
C ASN A 137 -6.95 16.04 -8.00
C ASN A 137 -6.96 16.03 -8.03
N MET A 138 -6.03 15.09 -7.88
CA MET A 138 -6.23 13.92 -7.02
C MET A 138 -5.82 14.23 -5.59
N LYS A 139 -6.78 14.13 -4.68
CA LYS A 139 -6.47 14.35 -3.29
C LYS A 139 -6.11 13.04 -2.60
N VAL A 140 -5.08 13.05 -1.74
CA VAL A 140 -4.60 11.88 -1.03
C VAL A 140 -4.33 12.24 0.43
N GLU A 141 -4.94 11.53 1.38
CA GLU A 141 -4.60 11.73 2.77
C GLU A 141 -3.87 10.49 3.25
N THR A 142 -2.79 10.70 4.00
CA THR A 142 -2.12 9.60 4.70
C THR A 142 -2.40 9.73 6.19
N PHE A 143 -2.55 8.59 6.85
CA PHE A 143 -2.90 8.56 8.26
C PHE A 143 -2.13 7.46 8.96
N TYR A 144 -1.45 7.79 10.03
CA TYR A 144 -0.81 6.81 10.93
C TYR A 144 -1.81 6.53 12.07
N PRO A 145 -2.38 5.33 12.15
CA PRO A 145 -3.40 5.06 13.15
C PRO A 145 -2.82 4.47 14.42
N GLY A 146 -1.56 4.16 14.45
CA GLY A 146 -0.95 3.43 15.53
C GLY A 146 -0.35 2.11 15.06
N LYS A 147 0.28 1.42 16.01
CA LYS A 147 0.97 0.18 15.72
C LYS A 147 0.03 -0.97 15.43
N GLY A 148 0.43 -1.89 14.56
CA GLY A 148 -0.42 -3.05 14.23
C GLY A 148 0.39 -4.14 13.59
N HIS A 149 0.20 -4.28 12.28
CA HIS A 149 1.03 -5.22 11.56
C HIS A 149 2.52 -4.94 11.71
N THR A 150 2.86 -3.65 11.75
CA THR A 150 4.18 -3.19 12.12
C THR A 150 4.02 -1.96 12.95
N GLU A 151 5.11 -1.47 13.56
N GLU A 151 5.14 -1.51 13.52
CA GLU A 151 5.03 -0.23 14.37
CA GLU A 151 5.16 -0.29 14.33
C GLU A 151 4.77 1.02 13.55
C GLU A 151 4.69 0.93 13.55
N ASP A 152 5.05 0.95 12.27
CA ASP A 152 5.03 2.12 11.43
C ASP A 152 3.88 2.20 10.43
N ASN A 153 3.07 1.12 10.29
CA ASN A 153 2.10 1.07 9.20
C ASN A 153 1.21 2.31 9.14
N ILE A 154 1.01 2.82 7.91
CA ILE A 154 0.03 3.88 7.67
C ILE A 154 -1.02 3.40 6.66
N VAL A 155 -2.16 4.07 6.67
CA VAL A 155 -3.19 3.88 5.64
C VAL A 155 -3.25 5.10 4.78
N VAL A 156 -3.87 4.92 3.62
CA VAL A 156 -4.03 5.99 2.62
C VAL A 156 -5.52 6.13 2.27
N TRP A 157 -6.01 7.32 2.25
CA TRP A 157 -7.42 7.60 2.02
C TRP A 157 -7.56 8.50 0.81
N LEU A 158 -8.52 8.18 -0.10
CA LEU A 158 -8.83 8.99 -1.27
C LEU A 158 -10.19 9.64 -1.01
N PRO A 159 -10.26 10.88 -0.52
CA PRO A 159 -11.55 11.42 -0.11
C PRO A 159 -12.51 11.69 -1.22
N GLN A 160 -12.04 11.80 -2.45
CA GLN A 160 -12.98 12.01 -3.57
C GLN A 160 -13.70 10.72 -3.98
N TYR A 161 -13.26 9.58 -3.45
CA TYR A 161 -13.80 8.28 -3.79
C TYR A 161 -14.21 7.46 -2.56
N ASN A 162 -13.86 7.92 -1.36
CA ASN A 162 -13.98 7.15 -0.12
C ASN A 162 -13.36 5.76 -0.26
N ILE A 163 -12.14 5.72 -0.86
CA ILE A 163 -11.39 4.49 -0.96
C ILE A 163 -10.30 4.51 0.11
N LEU A 164 -10.19 3.43 0.87
CA LEU A 164 -9.14 3.26 1.87
C LEU A 164 -8.17 2.20 1.42
N VAL A 165 -6.88 2.54 1.36
CA VAL A 165 -5.82 1.59 1.20
C VAL A 165 -5.37 1.20 2.58
N GLY A 166 -5.85 0.03 3.01
CA GLY A 166 -5.52 -0.44 4.32
C GLY A 166 -4.11 -0.96 4.47
N GLY A 167 -3.52 -1.41 3.38
CA GLY A 167 -2.21 -1.98 3.41
C GLY A 167 -2.23 -3.18 4.33
N CSO A 168 -1.08 -3.50 4.92
CA CSO A 168 -0.95 -4.78 5.58
CA CSO A 168 -0.92 -4.78 5.63
CB CSO A 168 0.43 -5.33 5.43
CB CSO A 168 0.52 -5.24 5.69
SG CSO A 168 1.01 -5.19 3.66
SG CSO A 168 0.93 -6.23 4.22
C CSO A 168 -1.51 -4.77 7.01
O CSO A 168 -1.64 -5.83 7.62
OD CSO A 168 2.52 -6.95 4.42
N LEU A 169 -1.94 -3.61 7.47
CA LEU A 169 -2.78 -3.49 8.67
C LEU A 169 -4.09 -4.22 8.52
N VAL A 170 -4.59 -4.36 7.29
CA VAL A 170 -5.93 -4.89 7.03
C VAL A 170 -5.82 -6.21 6.29
N LYS A 171 -6.37 -7.28 6.90
N LYS A 171 -6.43 -7.25 6.86
CA LYS A 171 -6.39 -8.59 6.30
CA LYS A 171 -6.38 -8.58 6.30
C LYS A 171 -7.57 -8.77 5.35
C LYS A 171 -7.58 -8.84 5.40
N SER A 172 -7.33 -9.51 4.30
CA SER A 172 -8.38 -9.87 3.36
C SER A 172 -9.26 -11.01 3.94
N THR A 173 -10.42 -11.22 3.33
CA THR A 173 -11.36 -12.26 3.79
C THR A 173 -10.68 -13.60 3.73
N SER A 174 -9.83 -13.84 2.73
CA SER A 174 -9.15 -15.13 2.60
C SER A 174 -8.09 -15.40 3.66
N ALA A 175 -7.62 -14.38 4.36
CA ALA A 175 -6.66 -14.54 5.43
C ALA A 175 -7.35 -15.10 6.64
N LYS A 176 -6.89 -16.24 7.10
CA LYS A 176 -7.51 -16.93 8.23
C LYS A 176 -6.68 -16.81 9.48
N ASP A 177 -5.59 -16.08 9.42
CA ASP A 177 -4.78 -15.75 10.60
C ASP A 177 -4.04 -14.44 10.29
N LEU A 178 -3.23 -13.97 11.26
CA LEU A 178 -2.60 -12.67 11.13
C LEU A 178 -1.35 -12.67 10.29
N GLY A 179 -0.86 -13.85 9.89
CA GLY A 179 0.35 -13.94 9.13
C GLY A 179 1.59 -13.71 9.96
N ASN A 180 2.61 -13.10 9.38
CA ASN A 180 3.87 -12.95 10.09
C ASN A 180 3.72 -11.81 11.10
N VAL A 181 3.85 -12.17 12.37
CA VAL A 181 3.67 -11.23 13.46
C VAL A 181 5.00 -10.97 14.19
N ALA A 182 6.11 -11.25 13.54
CA ALA A 182 7.39 -10.96 14.18
C ALA A 182 7.57 -9.49 14.51
N ASP A 183 7.09 -8.60 13.65
CA ASP A 183 7.22 -7.19 13.82
C ASP A 183 5.92 -6.53 14.24
N ALA A 184 4.90 -7.32 14.65
CA ALA A 184 3.56 -6.80 14.90
C ALA A 184 3.37 -6.56 16.40
N TYR A 185 2.33 -5.77 16.66
CA TYR A 185 1.92 -5.36 18.02
C TYR A 185 0.46 -5.76 18.17
N VAL A 186 0.21 -7.01 18.55
CA VAL A 186 -1.15 -7.52 18.45
C VAL A 186 -2.07 -6.96 19.47
N ASN A 187 -1.64 -6.38 20.56
N ASN A 187 -1.53 -6.35 20.54
CA ASN A 187 -2.60 -5.63 21.35
CA ASN A 187 -2.31 -5.73 21.60
C ASN A 187 -3.04 -4.33 20.69
C ASN A 187 -2.69 -4.28 21.34
N GLU A 188 -2.04 -3.58 20.31
CA GLU A 188 -2.35 -2.25 19.78
CA GLU A 188 -2.35 -2.25 19.79
C GLU A 188 -3.11 -2.33 18.48
C GLU A 188 -3.04 -2.30 18.43
N TRP A 189 -2.94 -3.43 17.72
CA TRP A 189 -3.53 -3.53 16.39
C TRP A 189 -5.00 -3.27 16.42
N SER A 190 -5.74 -3.80 17.40
N SER A 190 -5.72 -3.75 17.43
CA SER A 190 -7.19 -3.56 17.45
CA SER A 190 -7.17 -3.57 17.45
C SER A 190 -7.49 -2.08 17.60
C SER A 190 -7.57 -2.12 17.69
N THR A 191 -6.79 -1.41 18.52
CA THR A 191 -7.00 0.02 18.70
CA THR A 191 -7.04 0.02 18.70
C THR A 191 -6.70 0.81 17.44
N SER A 192 -5.65 0.42 16.74
CA SER A 192 -5.27 1.08 15.50
C SER A 192 -6.38 0.93 14.44
N ILE A 193 -6.97 -0.27 14.32
N ILE A 193 -6.93 -0.29 14.30
CA ILE A 193 -8.09 -0.43 13.39
CA ILE A 193 -8.08 -0.51 13.42
C ILE A 193 -9.29 0.35 13.86
C ILE A 193 -9.23 0.37 13.86
N GLU A 194 -9.54 0.36 15.16
CA GLU A 194 -10.63 1.24 15.66
C GLU A 194 -10.41 2.69 15.31
N ASN A 195 -9.14 3.17 15.34
CA ASN A 195 -8.87 4.54 14.95
C ASN A 195 -9.16 4.80 13.49
N VAL A 196 -8.89 3.84 12.63
CA VAL A 196 -9.30 3.93 11.22
C VAL A 196 -10.80 4.00 11.06
N LEU A 197 -11.54 3.11 11.77
CA LEU A 197 -12.98 3.09 11.66
C LEU A 197 -13.60 4.36 12.19
N LYS A 198 -12.99 5.00 13.21
CA LYS A 198 -13.46 6.28 13.75
C LYS A 198 -13.20 7.42 12.80
N ARG A 199 -12.09 7.40 12.06
CA ARG A 199 -11.74 8.51 11.18
C ARG A 199 -12.54 8.47 9.90
N TYR A 200 -12.78 7.27 9.36
CA TYR A 200 -13.39 7.11 8.05
C TYR A 200 -14.67 6.30 8.25
N ARG A 201 -15.79 7.01 8.46
CA ARG A 201 -17.01 6.34 8.85
C ARG A 201 -17.85 5.90 7.67
N ASN A 202 -17.54 6.34 6.43
CA ASN A 202 -18.32 5.94 5.26
C ASN A 202 -17.33 5.54 4.17
N ILE A 203 -17.06 4.23 4.04
CA ILE A 203 -16.02 3.71 3.17
C ILE A 203 -16.64 2.92 2.02
N ASN A 204 -16.22 3.23 0.79
CA ASN A 204 -16.71 2.52 -0.39
C ASN A 204 -15.91 1.26 -0.71
N ALA A 205 -14.62 1.28 -0.64
CA ALA A 205 -13.78 0.10 -0.87
C ALA A 205 -12.64 0.17 0.10
N VAL A 206 -12.14 -1.00 0.47
CA VAL A 206 -10.92 -1.17 1.26
C VAL A 206 -9.98 -2.12 0.53
N VAL A 207 -8.78 -1.62 0.24
CA VAL A 207 -7.76 -2.41 -0.43
C VAL A 207 -6.81 -2.97 0.61
N PRO A 208 -6.80 -4.29 0.85
CA PRO A 208 -5.88 -4.86 1.83
C PRO A 208 -4.49 -4.96 1.17
N GLY A 209 -3.45 -5.17 2.03
CA GLY A 209 -2.11 -5.35 1.50
C GLY A 209 -1.95 -6.58 0.60
N HIS A 210 -2.72 -7.62 0.90
CA HIS A 210 -2.70 -8.88 0.20
C HIS A 210 -4.16 -9.33 0.08
N GLY A 211 -4.57 -9.83 -1.08
CA GLY A 211 -5.87 -10.42 -1.29
C GLY A 211 -6.87 -9.50 -1.97
N GLU A 212 -8.14 -9.90 -1.96
CA GLU A 212 -9.15 -9.21 -2.72
C GLU A 212 -9.65 -7.95 -2.06
N VAL A 213 -9.94 -6.95 -2.88
CA VAL A 213 -10.57 -5.73 -2.42
C VAL A 213 -11.88 -6.08 -1.74
N GLY A 214 -12.19 -5.37 -0.67
CA GLY A 214 -13.44 -5.55 0.06
C GLY A 214 -14.01 -4.22 0.49
N ASP A 215 -14.63 -4.20 1.67
CA ASP A 215 -15.25 -3.00 2.22
C ASP A 215 -14.88 -2.92 3.69
N LYS A 216 -15.66 -2.18 4.50
CA LYS A 216 -15.33 -2.05 5.92
C LYS A 216 -15.33 -3.41 6.61
N GLY A 217 -16.02 -4.38 6.05
CA GLY A 217 -15.99 -5.72 6.60
C GLY A 217 -14.58 -6.26 6.79
N LEU A 218 -13.60 -5.84 5.95
CA LEU A 218 -12.25 -6.32 6.13
C LEU A 218 -11.65 -5.83 7.43
N LEU A 219 -12.01 -4.59 7.84
N LEU A 219 -12.02 -4.61 7.87
CA LEU A 219 -11.60 -4.06 9.12
CA LEU A 219 -11.53 -4.14 9.16
C LEU A 219 -12.16 -4.94 10.24
C LEU A 219 -12.17 -4.92 10.30
N LEU A 220 -13.46 -5.26 10.17
CA LEU A 220 -14.09 -6.09 11.17
C LEU A 220 -13.53 -7.51 11.18
N HIS A 221 -13.17 -8.01 10.02
CA HIS A 221 -12.52 -9.30 9.95
C HIS A 221 -11.17 -9.29 10.66
N THR A 222 -10.40 -8.21 10.44
CA THR A 222 -9.11 -8.11 11.12
C THR A 222 -9.29 -8.05 12.64
N LEU A 223 -10.27 -7.29 13.12
CA LEU A 223 -10.58 -7.31 14.55
C LEU A 223 -10.89 -8.72 15.07
N ASP A 224 -11.61 -9.52 14.27
CA ASP A 224 -11.93 -10.87 14.76
C ASP A 224 -10.66 -11.72 14.80
N LEU A 225 -9.76 -11.59 13.79
CA LEU A 225 -8.52 -12.36 13.79
C LEU A 225 -7.65 -12.06 15.00
N LEU A 226 -7.80 -10.86 15.55
CA LEU A 226 -7.00 -10.42 16.69
C LEU A 226 -7.54 -10.91 18.03
N LYS A 227 -8.70 -11.55 18.05
N LYS A 227 -8.70 -11.54 18.05
CA LYS A 227 -9.25 -12.09 19.31
CA LYS A 227 -9.25 -12.06 19.33
C LYS A 227 -8.55 -13.35 19.76
C LYS A 227 -8.64 -13.39 19.75
ZN ZN B . 2.32 -7.04 3.38
ZN ZN C . 4.56 -6.03 6.25
S SO4 D . -13.11 17.93 -5.06
O1 SO4 D . -13.10 16.74 -5.89
O2 SO4 D . -12.19 18.90 -5.63
O3 SO4 D . -14.43 18.59 -5.02
O4 SO4 D . -12.66 17.56 -3.71
C4 BY5 E . 6.79 -9.66 6.94
C5 BY5 E . 8.16 -9.48 6.92
C6 BY5 E . 8.79 -9.38 5.68
C7 BY5 E . 8.04 -9.49 4.53
C8 BY5 E . 6.68 -9.70 4.59
C BY5 E . 2.21 -9.20 5.57
O BY5 E . 1.48 -8.26 5.15
C1 BY5 E . 3.67 -9.01 5.38
C2 BY5 E . 4.53 -9.91 5.91
C3 BY5 E . 6.00 -9.78 5.79
F BY5 E . 6.16 -9.70 8.14
F1 BY5 E . 6.02 -9.91 3.43
F2 BY5 E . 8.63 -9.42 3.32
O1 BY5 E . 1.76 -10.13 6.22
S BY5 E . 4.27 -7.55 4.48
C1 GOL F . 17.08 2.84 -13.99
O1 GOL F . 16.11 2.28 -13.08
C2 GOL F . 17.54 1.71 -14.94
O2 GOL F . 16.46 1.02 -15.54
C3 GOL F . 18.46 2.39 -16.00
O3 GOL F . 19.60 2.90 -15.34
C1 GOL G . 10.65 -3.45 11.34
O1 GOL G . 12.11 -3.39 11.37
C2 GOL G . 10.19 -2.77 10.04
O2 GOL G . 10.69 -3.42 8.96
C3 GOL G . 8.60 -2.78 10.10
O3 GOL G . 8.05 -1.97 8.88
#